data_3EAS
#
_entry.id   3EAS
#
_cell.length_a   46.120
_cell.length_b   70.770
_cell.length_c   181.200
_cell.angle_alpha   90.00
_cell.angle_beta   90.00
_cell.angle_gamma   90.00
#
_symmetry.space_group_name_H-M   'P 21 21 21'
#
_entity_poly.entity_id   1
_entity_poly.type   'polypeptide(L)'
_entity_poly.pdbx_seq_one_letter_code
;DEPVTYEEEAVPAPVRGRLEVLSDLLYVASPDRAMVFTRTKAETEEIAQGLLRLGHPAQALHGDLSQGERERVLGAFRQG
EVRVLVATDVAARGLDIPQVDLVVHYRLPDRAEAYQHRSGRTGRAGRGGRVVLLYGPRERRDVEALERAVGRRFKRVNPP
TPEEVLEAKWRHLLARLARVPEKDYRLYQDFAGRLFAEGRVEVVAALLALLL
;
_entity_poly.pdbx_strand_id   A,B
#
# COMPACT_ATOMS: atom_id res chain seq x y z
N TYR A 6 37.13 13.46 -5.53
CA TYR A 6 35.88 13.47 -4.77
C TYR A 6 36.13 13.69 -3.27
N GLU A 7 35.09 14.08 -2.54
CA GLU A 7 35.22 14.25 -1.09
C GLU A 7 34.96 12.93 -0.38
N GLU A 8 35.56 12.77 0.78
CA GLU A 8 35.34 11.60 1.61
C GLU A 8 34.96 12.05 3.00
N GLU A 9 33.85 11.51 3.50
CA GLU A 9 33.34 11.90 4.82
C GLU A 9 33.00 10.68 5.67
N ALA A 10 33.70 10.51 6.78
CA ALA A 10 33.37 9.47 7.75
C ALA A 10 32.29 9.97 8.72
N VAL A 11 31.19 9.24 8.79
CA VAL A 11 30.05 9.67 9.58
C VAL A 11 29.79 8.74 10.76
N PRO A 12 29.85 9.28 11.98
CA PRO A 12 29.66 8.50 13.20
C PRO A 12 28.27 7.89 13.24
N ALA A 13 28.18 6.59 13.53
CA ALA A 13 26.89 5.91 13.57
C ALA A 13 26.97 4.50 14.17
N PRO A 14 26.10 4.21 15.15
CA PRO A 14 26.02 2.87 15.73
C PRO A 14 25.42 1.88 14.74
N VAL A 15 26.00 0.70 14.59
CA VAL A 15 25.45 -0.32 13.70
C VAL A 15 23.98 -0.65 14.02
N ARG A 16 23.59 -0.42 15.28
CA ARG A 16 22.24 -0.77 15.76
C ARG A 16 21.12 0.17 15.30
N GLY A 17 21.46 1.44 15.10
CA GLY A 17 20.53 2.38 14.50
C GLY A 17 21.03 2.81 13.14
N ARG A 18 22.09 2.14 12.67
CA ARG A 18 22.75 2.49 11.42
C ARG A 18 21.78 2.93 10.33
N LEU A 19 20.76 2.11 10.09
CA LEU A 19 19.88 2.31 8.96
C LEU A 19 19.27 3.72 8.91
N GLU A 20 18.84 4.23 10.06
CA GLU A 20 18.08 5.47 10.13
C GLU A 20 18.78 6.67 9.50
N VAL A 21 20.07 6.82 9.77
CA VAL A 21 20.81 7.99 9.27
C VAL A 21 21.13 7.86 7.77
N LEU A 22 21.46 6.66 7.33
CA LEU A 22 21.50 6.40 5.90
C LEU A 22 20.28 7.07 5.23
N SER A 23 19.10 6.70 5.70
CA SER A 23 17.88 7.30 5.24
C SER A 23 18.01 8.82 5.29
N ASP A 24 18.64 9.30 6.37
CA ASP A 24 18.77 10.74 6.65
C ASP A 24 19.71 11.40 5.66
N LEU A 25 20.95 10.94 5.70
CA LEU A 25 21.93 11.36 4.73
C LEU A 25 21.29 11.33 3.35
N LEU A 26 20.58 10.24 3.07
CA LEU A 26 19.88 10.09 1.80
C LEU A 26 18.96 11.29 1.53
N TYR A 27 17.93 11.44 2.37
CA TYR A 27 17.01 12.58 2.23
C TYR A 27 17.74 13.93 2.17
N VAL A 28 18.72 14.12 3.03
CA VAL A 28 19.38 15.41 3.09
C VAL A 28 20.28 15.65 1.88
N ALA A 29 20.87 14.58 1.36
CA ALA A 29 21.68 14.71 0.15
C ALA A 29 20.82 14.71 -1.11
N SER A 30 19.87 13.77 -1.19
CA SER A 30 19.01 13.68 -2.36
C SER A 30 19.82 13.50 -3.65
N PRO A 31 20.56 12.39 -3.74
CA PRO A 31 21.34 12.12 -4.96
C PRO A 31 20.48 11.45 -6.01
N ASP A 32 20.80 11.68 -7.29
CA ASP A 32 20.10 10.98 -8.34
C ASP A 32 20.52 9.52 -8.34
N ARG A 33 21.79 9.28 -8.08
CA ARG A 33 22.26 7.90 -7.94
C ARG A 33 23.02 7.71 -6.64
N ALA A 34 22.61 6.69 -5.89
CA ALA A 34 23.39 6.29 -4.76
C ALA A 34 23.67 4.81 -4.82
N MET A 35 24.85 4.41 -4.40
CA MET A 35 25.10 3.02 -4.23
C MET A 35 25.59 2.74 -2.82
N VAL A 36 25.04 1.69 -2.24
CA VAL A 36 25.34 1.28 -0.88
C VAL A 36 25.92 -0.12 -0.91
N PHE A 37 26.98 -0.35 -0.16
CA PHE A 37 27.70 -1.61 -0.21
C PHE A 37 27.65 -2.39 1.09
N THR A 38 27.26 -3.66 0.96
CA THR A 38 27.30 -4.62 2.05
C THR A 38 28.24 -5.77 1.68
N ARG A 39 28.15 -6.90 2.39
CA ARG A 39 29.01 -8.04 2.05
C ARG A 39 28.29 -9.38 1.91
N THR A 40 26.98 -9.40 2.13
CA THR A 40 26.21 -10.64 1.99
C THR A 40 24.81 -10.39 1.43
N LYS A 41 24.39 -11.20 0.47
CA LYS A 41 23.07 -11.05 -0.13
C LYS A 41 22.03 -10.86 0.98
N ALA A 42 22.37 -11.38 2.16
CA ALA A 42 21.50 -11.33 3.32
C ALA A 42 21.23 -9.90 3.74
N GLU A 43 22.21 -9.01 3.61
CA GLU A 43 21.99 -7.63 4.00
C GLU A 43 21.55 -6.73 2.84
N THR A 44 22.12 -6.93 1.65
CA THR A 44 21.61 -6.17 0.51
C THR A 44 20.11 -6.31 0.51
N GLU A 45 19.70 -7.56 0.66
CA GLU A 45 18.30 -7.92 0.76
C GLU A 45 17.66 -7.10 1.86
N GLU A 46 18.15 -7.29 3.07
CA GLU A 46 17.54 -6.66 4.25
C GLU A 46 17.37 -5.17 4.07
N ILE A 47 18.33 -4.57 3.39
CA ILE A 47 18.48 -3.12 3.37
C ILE A 47 17.65 -2.45 2.27
N ALA A 48 17.49 -3.13 1.15
CA ALA A 48 16.62 -2.62 0.12
C ALA A 48 15.20 -2.50 0.72
N GLN A 49 14.88 -3.42 1.62
CA GLN A 49 13.57 -3.40 2.28
C GLN A 49 13.46 -2.20 3.22
N GLY A 50 14.45 -2.06 4.10
CA GLY A 50 14.47 -0.98 5.08
C GLY A 50 14.32 0.39 4.47
N LEU A 51 14.90 0.56 3.28
CA LEU A 51 14.92 1.84 2.59
C LEU A 51 13.64 2.10 1.81
N LEU A 52 13.14 1.04 1.18
CA LEU A 52 11.88 1.12 0.48
C LEU A 52 10.79 1.41 1.53
N ARG A 53 10.89 0.71 2.65
CA ARG A 53 10.00 0.98 3.74
C ARG A 53 10.07 2.46 4.06
N LEU A 54 11.23 2.88 4.53
CA LEU A 54 11.45 4.24 4.99
C LEU A 54 11.15 5.38 3.99
N GLY A 55 10.87 5.06 2.72
CA GLY A 55 10.51 6.10 1.76
C GLY A 55 11.30 6.16 0.46
N HIS A 56 12.42 5.46 0.39
CA HIS A 56 13.33 5.63 -0.73
C HIS A 56 13.10 4.54 -1.75
N PRO A 57 13.11 4.90 -3.05
CA PRO A 57 13.03 3.97 -4.18
C PRO A 57 14.33 3.17 -4.32
N ALA A 58 14.48 2.11 -3.53
CA ALA A 58 15.66 1.27 -3.55
C ALA A 58 15.41 -0.17 -4.09
N GLN A 59 16.42 -0.79 -4.69
CA GLN A 59 16.36 -2.20 -5.06
C GLN A 59 17.70 -2.87 -4.78
N ALA A 60 17.66 -4.18 -4.54
CA ALA A 60 18.87 -4.92 -4.18
C ALA A 60 19.48 -5.62 -5.39
N LEU A 61 20.79 -5.84 -5.34
CA LEU A 61 21.57 -6.39 -6.45
C LEU A 61 22.42 -7.58 -5.99
N HIS A 62 22.18 -8.77 -6.55
CA HIS A 62 23.01 -9.95 -6.21
C HIS A 62 23.18 -10.92 -7.38
N GLY A 63 23.76 -12.08 -7.07
CA GLY A 63 23.96 -13.12 -8.07
C GLY A 63 22.72 -13.96 -8.35
N ASP A 64 22.07 -14.44 -7.29
CA ASP A 64 20.83 -15.21 -7.41
C ASP A 64 19.93 -14.55 -8.43
N LEU A 65 20.02 -13.23 -8.48
CA LEU A 65 19.28 -12.43 -9.43
C LEU A 65 19.52 -12.98 -10.83
N SER A 66 18.45 -13.34 -11.52
CA SER A 66 18.58 -13.92 -12.83
C SER A 66 19.32 -12.96 -13.73
N GLN A 67 20.17 -13.50 -14.59
CA GLN A 67 20.80 -12.73 -15.64
C GLN A 67 19.83 -11.70 -16.19
N GLY A 68 18.75 -12.16 -16.80
CA GLY A 68 17.77 -11.25 -17.38
C GLY A 68 17.34 -10.17 -16.41
N GLU A 69 16.98 -10.56 -15.20
CA GLU A 69 16.43 -9.61 -14.25
C GLU A 69 17.37 -8.43 -13.98
N ARG A 70 18.66 -8.72 -13.85
CA ARG A 70 19.66 -7.69 -13.60
C ARG A 70 19.46 -6.55 -14.56
N GLU A 71 19.65 -6.85 -15.84
CA GLU A 71 19.45 -5.91 -16.92
C GLU A 71 18.34 -4.91 -16.60
N ARG A 72 17.24 -5.41 -16.04
CA ARG A 72 16.06 -4.60 -15.82
C ARG A 72 16.31 -3.65 -14.65
N VAL A 73 16.88 -4.16 -13.57
CA VAL A 73 17.19 -3.37 -12.39
C VAL A 73 18.13 -2.23 -12.74
N LEU A 74 19.30 -2.59 -13.25
CA LEU A 74 20.28 -1.62 -13.73
C LEU A 74 19.69 -0.59 -14.68
N GLY A 75 18.87 -1.05 -15.63
CA GLY A 75 18.16 -0.12 -16.47
C GLY A 75 17.41 0.88 -15.59
N ALA A 76 16.70 0.36 -14.60
CA ALA A 76 15.82 1.18 -13.76
C ALA A 76 16.65 2.15 -12.93
N PHE A 77 17.78 1.65 -12.43
CA PHE A 77 18.71 2.51 -11.74
C PHE A 77 19.23 3.58 -12.69
N ARG A 78 19.64 3.16 -13.89
CA ARG A 78 20.06 4.11 -14.91
C ARG A 78 18.93 5.09 -15.26
N GLN A 79 17.76 4.57 -15.60
CA GLN A 79 16.59 5.42 -15.83
C GLN A 79 16.40 6.45 -14.72
N GLY A 80 16.77 6.07 -13.51
CA GLY A 80 16.49 6.92 -12.37
C GLY A 80 15.12 6.61 -11.81
N GLU A 81 14.46 5.58 -12.36
CA GLU A 81 13.23 5.07 -11.77
C GLU A 81 13.60 4.45 -10.44
N VAL A 82 14.83 3.97 -10.36
CA VAL A 82 15.39 3.52 -9.10
C VAL A 82 16.53 4.47 -8.75
N ARG A 83 16.45 5.13 -7.60
CA ARG A 83 17.48 6.10 -7.24
C ARG A 83 18.56 5.54 -6.30
N VAL A 84 18.26 4.42 -5.64
CA VAL A 84 19.26 3.80 -4.78
C VAL A 84 19.45 2.34 -5.07
N LEU A 85 20.70 1.93 -5.15
CA LEU A 85 21.05 0.54 -5.37
C LEU A 85 21.79 -0.01 -4.18
N VAL A 86 21.46 -1.24 -3.80
CA VAL A 86 22.20 -1.87 -2.72
C VAL A 86 22.78 -3.17 -3.23
N ALA A 87 24.08 -3.35 -3.01
CA ALA A 87 24.85 -4.40 -3.68
C ALA A 87 25.99 -4.99 -2.85
N THR A 88 26.23 -6.29 -3.04
CA THR A 88 27.43 -6.92 -2.51
C THR A 88 28.60 -6.53 -3.40
N ASP A 89 29.81 -6.91 -3.01
CA ASP A 89 30.98 -6.58 -3.81
C ASP A 89 31.06 -7.44 -5.07
N VAL A 90 30.81 -8.74 -4.91
CA VAL A 90 30.78 -9.69 -6.01
C VAL A 90 29.77 -9.32 -7.07
N ALA A 91 28.55 -9.07 -6.60
CA ALA A 91 27.44 -8.76 -7.48
C ALA A 91 27.73 -7.45 -8.19
N ALA A 92 28.49 -6.59 -7.51
CA ALA A 92 28.72 -5.25 -7.98
C ALA A 92 29.73 -5.18 -9.15
N ARG A 93 30.61 -6.16 -9.26
CA ARG A 93 31.59 -6.16 -10.35
C ARG A 93 30.89 -6.25 -11.70
N GLY A 94 31.44 -5.57 -12.71
CA GLY A 94 30.83 -5.54 -14.03
C GLY A 94 30.86 -4.16 -14.67
N LEU A 95 30.86 -4.11 -15.99
CA LEU A 95 30.94 -2.83 -16.68
C LEU A 95 29.55 -2.28 -16.98
N ASP A 96 28.56 -3.02 -16.50
CA ASP A 96 27.16 -2.66 -16.63
C ASP A 96 26.75 -1.76 -15.49
N ILE A 97 27.56 -1.76 -14.43
CA ILE A 97 27.31 -0.88 -13.31
C ILE A 97 27.93 0.46 -13.58
N PRO A 98 27.07 1.50 -13.60
CA PRO A 98 27.40 2.86 -13.97
C PRO A 98 27.90 3.69 -12.78
N GLN A 99 28.19 4.95 -13.05
CA GLN A 99 28.81 5.80 -12.07
C GLN A 99 27.72 6.52 -11.33
N VAL A 100 27.90 6.68 -10.02
CA VAL A 100 26.84 7.18 -9.16
C VAL A 100 27.21 8.53 -8.59
N ASP A 101 26.23 9.22 -8.01
CA ASP A 101 26.47 10.51 -7.38
C ASP A 101 26.96 10.39 -5.94
N LEU A 102 26.68 9.25 -5.32
CA LEU A 102 27.07 9.07 -3.94
C LEU A 102 27.37 7.62 -3.68
N VAL A 103 28.51 7.37 -3.04
CA VAL A 103 28.94 6.02 -2.72
C VAL A 103 28.99 5.84 -1.23
N VAL A 104 28.19 4.92 -0.72
CA VAL A 104 28.15 4.74 0.72
C VAL A 104 28.69 3.39 1.16
N HIS A 105 29.45 3.40 2.23
CA HIS A 105 29.98 2.17 2.79
C HIS A 105 29.13 1.94 4.01
N TYR A 106 28.14 1.08 3.91
CA TYR A 106 27.32 0.77 5.08
C TYR A 106 28.20 0.10 6.13
N ARG A 107 28.80 -1.01 5.72
CA ARG A 107 29.89 -1.62 6.46
C ARG A 107 31.13 -1.32 5.63
N LEU A 108 32.30 -1.55 6.20
CA LEU A 108 33.57 -1.14 5.60
C LEU A 108 34.14 -2.21 4.67
N PRO A 109 35.18 -1.83 3.88
CA PRO A 109 35.86 -2.74 2.96
C PRO A 109 36.92 -3.60 3.68
N ASP A 110 37.07 -4.85 3.23
CA ASP A 110 38.04 -5.75 3.83
C ASP A 110 39.44 -5.52 3.26
N ARG A 111 39.65 -4.32 2.69
CA ARG A 111 40.93 -3.95 2.09
C ARG A 111 40.86 -2.60 1.37
N ALA A 112 42.03 -1.98 1.18
CA ALA A 112 42.12 -0.71 0.45
C ALA A 112 41.71 -0.89 -1.00
N GLU A 113 41.71 -2.14 -1.48
CA GLU A 113 41.26 -2.47 -2.82
C GLU A 113 39.73 -2.43 -2.89
N ALA A 114 39.07 -3.07 -1.94
CA ALA A 114 37.62 -3.02 -1.84
C ALA A 114 37.17 -1.56 -1.82
N TYR A 115 37.78 -0.78 -0.93
CA TYR A 115 37.53 0.66 -0.86
C TYR A 115 37.69 1.34 -2.21
N GLN A 116 38.90 1.36 -2.76
CA GLN A 116 39.13 2.03 -4.03
C GLN A 116 38.41 1.37 -5.20
N HIS A 117 37.75 0.25 -4.93
CA HIS A 117 36.89 -0.37 -5.93
C HIS A 117 35.49 0.19 -5.82
N ARG A 118 35.01 0.24 -4.59
CA ARG A 118 33.69 0.78 -4.29
C ARG A 118 33.65 2.27 -4.59
N SER A 119 34.59 3.00 -4.03
CA SER A 119 34.63 4.45 -4.18
C SER A 119 34.88 4.84 -5.63
N GLY A 120 35.69 4.05 -6.33
CA GLY A 120 35.87 4.21 -7.75
C GLY A 120 34.55 4.52 -8.44
N ARG A 121 33.47 3.98 -7.92
CA ARG A 121 32.19 4.04 -8.60
C ARG A 121 31.54 5.43 -8.54
N THR A 122 32.14 6.34 -7.77
CA THR A 122 31.54 7.66 -7.53
C THR A 122 32.06 8.77 -8.45
N GLY A 123 31.20 9.74 -8.70
CA GLY A 123 31.51 10.85 -9.59
C GLY A 123 31.35 10.46 -11.05
N ARG A 124 30.72 11.32 -11.85
CA ARG A 124 30.49 11.01 -13.27
C ARG A 124 30.98 12.10 -14.24
N ALA A 125 30.25 13.21 -14.33
CA ALA A 125 30.66 14.33 -15.18
C ALA A 125 29.69 15.50 -15.07
N ARG A 127 31.16 14.59 -12.13
CA ARG A 127 32.30 15.43 -11.78
C ARG A 127 33.28 14.69 -10.88
N GLY A 128 33.28 15.06 -9.59
CA GLY A 128 34.21 14.46 -8.64
C GLY A 128 33.64 13.23 -7.97
N GLY A 129 32.44 13.36 -7.41
CA GLY A 129 31.80 12.29 -6.67
C GLY A 129 31.53 12.66 -5.23
N ARG A 130 31.54 11.66 -4.34
CA ARG A 130 31.31 11.85 -2.91
C ARG A 130 31.48 10.44 -2.40
N VAL A 131 31.76 10.30 -1.10
CA VAL A 131 31.98 8.99 -0.50
C VAL A 131 31.64 9.20 0.96
N VAL A 132 30.78 8.35 1.49
CA VAL A 132 30.50 8.33 2.92
C VAL A 132 30.91 6.99 3.52
N LEU A 133 31.66 7.07 4.62
CA LEU A 133 32.11 5.91 5.37
C LEU A 133 31.47 5.93 6.76
N LEU A 134 30.61 4.95 7.03
CA LEU A 134 29.81 4.92 8.25
C LEU A 134 30.50 4.21 9.40
N TYR A 135 30.84 4.95 10.45
CA TYR A 135 31.57 4.36 11.56
C TYR A 135 30.81 4.30 12.90
N GLY A 136 30.74 3.09 13.46
CA GLY A 136 30.29 2.91 14.83
C GLY A 136 31.40 3.30 15.78
N PRO A 137 31.06 3.54 17.05
CA PRO A 137 31.96 4.00 18.12
C PRO A 137 33.19 3.12 18.36
N ARG A 138 33.05 1.81 18.26
CA ARG A 138 34.14 0.88 18.51
C ARG A 138 34.85 0.44 17.24
N GLU A 139 34.69 1.24 16.20
CA GLU A 139 35.41 1.06 14.96
C GLU A 139 36.38 2.24 14.85
N ARG A 140 36.10 3.29 15.62
CA ARG A 140 36.94 4.49 15.70
C ARG A 140 38.44 4.19 15.59
N ARG A 141 38.91 3.17 16.29
CA ARG A 141 40.31 2.76 16.16
C ARG A 141 40.57 2.24 14.76
N ASP A 142 39.93 1.15 14.38
CA ASP A 142 40.16 0.57 13.06
C ASP A 142 39.74 1.48 11.90
N VAL A 143 39.17 2.64 12.21
CA VAL A 143 38.89 3.65 11.19
C VAL A 143 40.21 4.18 10.69
N GLU A 144 41.04 4.61 11.63
CA GLU A 144 42.40 5.11 11.38
C GLU A 144 43.23 4.04 10.67
N ALA A 145 43.04 2.80 11.11
CA ALA A 145 43.66 1.63 10.50
C ALA A 145 43.56 1.65 8.98
N LEU A 146 42.33 1.71 8.48
CA LEU A 146 42.10 1.73 7.04
C LEU A 146 42.35 3.14 6.48
N GLU A 147 42.13 4.15 7.31
CA GLU A 147 42.34 5.53 6.88
C GLU A 147 43.75 5.69 6.32
N ARG A 148 44.75 5.34 7.13
CA ARG A 148 46.14 5.41 6.68
C ARG A 148 46.45 4.27 5.71
N ALA A 149 45.80 3.13 5.90
CA ALA A 149 45.94 2.02 4.96
C ALA A 149 45.77 2.50 3.52
N VAL A 150 44.87 3.45 3.32
CA VAL A 150 44.55 3.99 1.99
C VAL A 150 45.40 5.24 1.71
N GLY A 151 45.88 5.86 2.79
CA GLY A 151 46.81 6.97 2.70
C GLY A 151 46.16 8.34 2.72
N ARG A 152 44.94 8.43 3.24
CA ARG A 152 44.21 9.69 3.26
C ARG A 152 43.44 9.88 4.55
N ARG A 153 43.06 11.12 4.84
CA ARG A 153 42.22 11.41 6.00
C ARG A 153 40.81 11.81 5.57
N PHE A 154 39.82 11.03 5.99
CA PHE A 154 38.42 11.33 5.68
C PHE A 154 37.91 12.36 6.66
N LYS A 155 37.16 13.33 6.16
CA LYS A 155 36.66 14.37 7.04
C LYS A 155 35.68 13.72 8.01
N ARG A 156 35.83 14.02 9.29
CA ARG A 156 34.88 13.57 10.30
C ARG A 156 33.75 14.59 10.29
N VAL A 157 32.56 14.11 9.96
CA VAL A 157 31.38 14.96 9.89
C VAL A 157 30.19 14.25 10.54
N ASN A 158 29.33 15.02 11.18
CA ASN A 158 28.21 14.48 11.97
C ASN A 158 26.97 14.11 11.18
N PRO A 159 26.17 13.17 11.70
CA PRO A 159 24.87 12.78 11.15
C PRO A 159 23.92 13.97 11.01
N PRO A 160 22.96 13.89 10.09
CA PRO A 160 22.01 14.98 9.88
C PRO A 160 21.12 15.15 11.10
N THR A 161 20.73 16.40 11.32
CA THR A 161 19.78 16.79 12.36
C THR A 161 18.38 16.24 12.14
N PRO A 162 17.72 15.80 13.23
CA PRO A 162 16.29 15.46 13.18
C PRO A 162 15.58 16.53 12.38
N GLU A 163 15.84 17.78 12.74
CA GLU A 163 15.23 18.91 12.06
C GLU A 163 15.69 19.06 10.61
N GLU A 164 16.99 18.84 10.37
CA GLU A 164 17.52 18.78 9.00
C GLU A 164 16.77 17.70 8.20
N VAL A 165 16.68 16.50 8.77
CA VAL A 165 16.02 15.36 8.13
C VAL A 165 14.56 15.66 7.83
N LEU A 166 13.85 16.13 8.84
CA LEU A 166 12.44 16.46 8.73
C LEU A 166 12.20 17.44 7.60
N GLU A 167 12.92 18.56 7.62
CA GLU A 167 12.76 19.54 6.55
C GLU A 167 12.94 18.90 5.17
N ALA A 168 14.00 18.10 5.01
CA ALA A 168 14.28 17.37 3.76
C ALA A 168 13.12 16.46 3.32
N LYS A 169 12.70 15.57 4.23
CA LYS A 169 11.51 14.75 4.04
C LYS A 169 10.40 15.58 3.43
N TRP A 170 10.20 16.77 3.99
CA TRP A 170 9.18 17.69 3.52
C TRP A 170 9.35 18.05 2.05
N ARG A 171 10.57 18.43 1.69
CA ARG A 171 10.80 18.89 0.33
C ARG A 171 10.61 17.75 -0.66
N HIS A 172 10.98 16.56 -0.23
CA HIS A 172 10.78 15.39 -1.04
C HIS A 172 9.28 15.27 -1.33
N LEU A 173 8.49 15.22 -0.26
CA LEU A 173 7.04 15.17 -0.39
C LEU A 173 6.52 16.19 -1.39
N LEU A 174 6.86 17.46 -1.20
CA LEU A 174 6.41 18.47 -2.13
C LEU A 174 6.64 17.98 -3.54
N ALA A 175 7.84 17.50 -3.79
CA ALA A 175 8.22 16.96 -5.09
C ALA A 175 7.16 15.98 -5.58
N ARG A 176 7.00 14.90 -4.83
CA ARG A 176 6.01 13.89 -5.17
C ARG A 176 4.70 14.55 -5.56
N LEU A 177 4.13 15.32 -4.63
CA LEU A 177 2.89 16.07 -4.88
C LEU A 177 2.90 16.74 -6.23
N ALA A 178 3.96 17.51 -6.46
CA ALA A 178 4.11 18.26 -7.69
C ALA A 178 3.99 17.37 -8.94
N ARG A 179 4.27 16.08 -8.79
CA ARG A 179 4.20 15.14 -9.91
C ARG A 179 2.79 14.58 -10.11
N VAL A 180 1.84 15.02 -9.30
CA VAL A 180 0.47 14.54 -9.45
C VAL A 180 -0.19 15.26 -10.62
N PRO A 181 -0.65 14.49 -11.60
CA PRO A 181 -1.27 15.04 -12.80
C PRO A 181 -2.52 15.83 -12.44
N GLU A 182 -2.59 17.06 -12.94
CA GLU A 182 -3.74 17.94 -12.73
C GLU A 182 -5.06 17.16 -12.77
N LYS A 183 -5.16 16.23 -13.71
CA LYS A 183 -6.39 15.48 -13.93
C LYS A 183 -6.73 14.60 -12.75
N ASP A 184 -5.70 14.11 -12.08
CA ASP A 184 -5.89 13.18 -10.97
C ASP A 184 -6.49 13.89 -9.76
N TYR A 185 -5.78 14.90 -9.25
CA TYR A 185 -6.17 15.53 -8.00
C TYR A 185 -7.44 16.37 -8.10
N ARG A 186 -7.74 16.80 -9.32
CA ARG A 186 -8.99 17.49 -9.64
C ARG A 186 -10.17 16.82 -8.91
N LEU A 187 -10.06 15.51 -8.78
CA LEU A 187 -11.08 14.70 -8.16
C LEU A 187 -11.22 14.94 -6.66
N TYR A 188 -10.29 15.68 -6.09
CA TYR A 188 -10.24 15.79 -4.65
C TYR A 188 -10.22 17.24 -4.17
N GLN A 189 -10.39 18.17 -5.10
CA GLN A 189 -10.46 19.58 -4.71
C GLN A 189 -11.58 19.76 -3.69
N ASP A 190 -12.72 19.13 -3.92
CA ASP A 190 -13.81 19.33 -3.00
C ASP A 190 -13.49 18.85 -1.60
N PHE A 191 -13.03 17.61 -1.50
CA PHE A 191 -12.59 17.06 -0.23
C PHE A 191 -11.56 17.99 0.44
N ALA A 192 -10.55 18.37 -0.33
CA ALA A 192 -9.55 19.32 0.15
C ALA A 192 -10.24 20.52 0.78
N GLY A 193 -11.09 21.19 0.01
CA GLY A 193 -11.87 22.29 0.55
C GLY A 193 -12.57 21.99 1.85
N ARG A 194 -13.16 20.80 1.95
CA ARG A 194 -13.80 20.38 3.19
C ARG A 194 -12.82 20.50 4.36
N LEU A 195 -11.57 20.13 4.11
CA LEU A 195 -10.55 20.15 5.18
C LEU A 195 -10.12 21.52 5.66
N PHE A 196 -9.82 22.41 4.72
CA PHE A 196 -9.51 23.80 5.03
C PHE A 196 -10.70 24.41 5.74
N ALA A 197 -11.88 23.99 5.30
CA ALA A 197 -13.14 24.53 5.79
C ALA A 197 -13.33 24.35 7.29
N GLU A 198 -13.06 23.16 7.80
CA GLU A 198 -13.14 22.91 9.24
C GLU A 198 -11.88 23.43 9.93
N GLY A 199 -10.79 23.46 9.17
CA GLY A 199 -9.54 24.01 9.65
C GLY A 199 -9.01 23.32 10.87
N ARG A 200 -8.95 21.99 10.85
CA ARG A 200 -8.23 21.29 11.91
C ARG A 200 -6.83 20.80 11.44
N VAL A 201 -5.90 21.73 11.51
CA VAL A 201 -4.54 21.46 11.17
C VAL A 201 -4.14 20.05 11.67
N GLU A 202 -4.57 19.71 12.88
CA GLU A 202 -4.31 18.41 13.47
C GLU A 202 -4.67 17.29 12.49
N VAL A 203 -5.83 17.44 11.85
CA VAL A 203 -6.29 16.48 10.85
C VAL A 203 -5.33 16.39 9.67
N VAL A 204 -4.95 17.54 9.16
CA VAL A 204 -4.04 17.56 8.05
C VAL A 204 -2.70 17.01 8.52
N ALA A 205 -2.35 17.28 9.78
CA ALA A 205 -1.14 16.68 10.35
C ALA A 205 -1.22 15.17 10.21
N ALA A 206 -2.39 14.61 10.56
CA ALA A 206 -2.61 13.17 10.51
C ALA A 206 -2.53 12.68 9.09
N LEU A 207 -2.92 13.51 8.14
CA LEU A 207 -2.62 13.23 6.76
C LEU A 207 -1.12 13.06 6.60
N LEU A 208 -0.38 14.09 6.98
CA LEU A 208 1.07 14.12 6.79
C LEU A 208 1.73 12.92 7.47
N ALA A 209 1.29 12.64 8.70
CA ALA A 209 1.75 11.47 9.44
C ALA A 209 1.66 10.20 8.62
N LEU A 210 0.71 10.16 7.70
CA LEU A 210 0.49 8.96 6.91
C LEU A 210 1.32 8.94 5.65
N LEU A 211 2.14 9.96 5.41
CA LEU A 211 2.97 9.94 4.20
C LEU A 211 4.44 10.25 4.47
N LEU A 212 4.79 10.37 5.74
CA LEU A 212 6.17 10.52 6.14
C LEU A 212 6.49 9.48 7.21
N VAL B 4 -41.37 -9.69 7.21
CA VAL B 4 -40.04 -9.30 6.74
C VAL B 4 -39.55 -7.97 7.32
N THR B 5 -38.44 -8.02 8.05
CA THR B 5 -37.82 -6.82 8.63
C THR B 5 -36.49 -6.49 7.97
N TYR B 6 -36.32 -6.95 6.73
CA TYR B 6 -35.16 -6.56 5.94
C TYR B 6 -35.61 -6.03 4.59
N GLU B 7 -34.74 -5.25 3.94
CA GLU B 7 -35.08 -4.62 2.68
C GLU B 7 -34.37 -5.35 1.55
N GLU B 8 -34.98 -5.34 0.38
CA GLU B 8 -34.43 -6.04 -0.78
C GLU B 8 -34.36 -5.11 -1.98
N GLU B 9 -33.21 -5.11 -2.64
CA GLU B 9 -33.00 -4.23 -3.79
C GLU B 9 -32.54 -4.99 -5.01
N ALA B 10 -33.24 -4.79 -6.11
CA ALA B 10 -32.80 -5.33 -7.38
C ALA B 10 -31.92 -4.28 -8.03
N VAL B 11 -30.68 -4.67 -8.32
CA VAL B 11 -29.69 -3.77 -8.86
C VAL B 11 -29.13 -4.32 -10.16
N PRO B 12 -29.20 -3.51 -11.21
CA PRO B 12 -28.80 -3.85 -12.59
C PRO B 12 -27.27 -3.95 -12.80
N ALA B 13 -26.82 -5.08 -13.37
CA ALA B 13 -25.42 -5.26 -13.70
C ALA B 13 -25.22 -6.12 -14.94
N PRO B 14 -24.14 -5.85 -15.69
CA PRO B 14 -23.64 -6.59 -16.86
C PRO B 14 -22.70 -7.74 -16.48
N VAL B 15 -23.09 -8.97 -16.79
CA VAL B 15 -22.35 -10.16 -16.34
C VAL B 15 -20.83 -10.02 -16.25
N ARG B 16 -20.27 -9.20 -17.14
CA ARG B 16 -18.84 -9.00 -17.18
C ARG B 16 -18.42 -8.01 -16.09
N GLY B 17 -19.02 -6.83 -16.15
CA GLY B 17 -18.75 -5.81 -15.16
C GLY B 17 -19.36 -6.17 -13.82
N ARG B 18 -19.88 -7.38 -13.72
CA ARG B 18 -20.52 -7.87 -12.48
C ARG B 18 -19.58 -7.75 -11.27
N LEU B 19 -18.36 -8.26 -11.40
CA LEU B 19 -17.43 -8.16 -10.28
C LEU B 19 -17.30 -6.70 -9.85
N GLU B 20 -17.07 -5.81 -10.82
CA GLU B 20 -16.79 -4.42 -10.53
C GLU B 20 -17.94 -3.74 -9.79
N VAL B 21 -19.16 -3.93 -10.29
CA VAL B 21 -20.32 -3.36 -9.61
C VAL B 21 -20.32 -3.78 -8.14
N LEU B 22 -20.16 -5.08 -7.91
CA LEU B 22 -20.16 -5.66 -6.58
C LEU B 22 -19.13 -4.99 -5.72
N SER B 23 -17.91 -4.90 -6.23
CA SER B 23 -16.86 -4.29 -5.46
C SER B 23 -17.28 -2.91 -4.94
N ASP B 24 -18.04 -2.19 -5.76
CA ASP B 24 -18.40 -0.81 -5.46
C ASP B 24 -19.52 -0.79 -4.46
N LEU B 25 -20.45 -1.72 -4.64
CA LEU B 25 -21.47 -1.96 -3.66
C LEU B 25 -20.85 -2.07 -2.27
N LEU B 26 -19.92 -3.02 -2.13
CA LEU B 26 -19.23 -3.23 -0.85
C LEU B 26 -18.58 -1.96 -0.36
N TYR B 27 -17.75 -1.34 -1.20
CA TYR B 27 -17.05 -0.15 -0.75
C TYR B 27 -17.99 0.90 -0.19
N VAL B 28 -19.09 1.16 -0.91
CA VAL B 28 -20.05 2.17 -0.47
C VAL B 28 -20.73 1.76 0.82
N ALA B 29 -21.23 0.54 0.84
CA ALA B 29 -22.02 0.02 1.95
C ALA B 29 -21.20 -0.34 3.20
N SER B 30 -19.94 -0.71 3.01
CA SER B 30 -19.02 -0.95 4.12
C SER B 30 -19.52 -1.89 5.26
N PRO B 31 -20.14 -3.04 4.92
CA PRO B 31 -20.68 -3.91 5.97
C PRO B 31 -19.64 -4.77 6.70
N ASP B 32 -19.82 -4.95 8.01
CA ASP B 32 -18.93 -5.80 8.80
C ASP B 32 -18.83 -7.20 8.23
N ARG B 33 -19.98 -7.83 7.99
CA ARG B 33 -20.02 -9.16 7.38
C ARG B 33 -20.95 -9.23 6.15
N ALA B 34 -20.51 -9.87 5.08
CA ALA B 34 -21.35 -10.11 3.89
C ALA B 34 -21.15 -11.48 3.23
N MET B 35 -22.24 -12.10 2.80
CA MET B 35 -22.14 -13.28 1.98
C MET B 35 -22.53 -13.01 0.57
N VAL B 36 -21.82 -13.62 -0.36
CA VAL B 36 -22.20 -13.57 -1.77
C VAL B 36 -22.50 -14.97 -2.28
N PHE B 37 -23.66 -15.10 -2.93
CA PHE B 37 -24.14 -16.38 -3.40
C PHE B 37 -23.95 -16.50 -4.90
N THR B 38 -23.57 -17.70 -5.34
CA THR B 38 -23.40 -17.97 -6.77
C THR B 38 -23.73 -19.42 -7.06
N ARG B 39 -23.66 -19.79 -8.33
CA ARG B 39 -24.09 -21.10 -8.78
C ARG B 39 -23.04 -22.20 -8.51
N THR B 40 -21.80 -21.92 -8.89
CA THR B 40 -20.74 -22.93 -8.88
C THR B 40 -19.57 -22.61 -7.93
N LYS B 41 -18.92 -23.64 -7.42
CA LYS B 41 -17.79 -23.43 -6.53
C LYS B 41 -16.64 -22.74 -7.24
N ALA B 42 -16.57 -22.87 -8.57
CA ALA B 42 -15.53 -22.23 -9.34
C ALA B 42 -15.71 -20.71 -9.32
N GLU B 43 -16.96 -20.26 -9.45
CA GLU B 43 -17.24 -18.84 -9.39
C GLU B 43 -16.83 -18.32 -8.02
N THR B 44 -17.24 -19.03 -6.98
CA THR B 44 -16.88 -18.66 -5.62
C THR B 44 -15.40 -18.34 -5.57
N GLU B 45 -14.64 -19.06 -6.39
CA GLU B 45 -13.20 -18.94 -6.46
C GLU B 45 -12.82 -17.67 -7.19
N GLU B 46 -13.19 -17.61 -8.48
CA GLU B 46 -12.98 -16.40 -9.25
C GLU B 46 -13.32 -15.21 -8.38
N ILE B 47 -14.60 -15.08 -8.07
CA ILE B 47 -15.12 -13.96 -7.29
C ILE B 47 -14.28 -13.62 -6.07
N ALA B 48 -13.87 -14.64 -5.32
CA ALA B 48 -13.04 -14.42 -4.14
C ALA B 48 -11.66 -13.85 -4.49
N GLN B 49 -10.94 -14.53 -5.40
CA GLN B 49 -9.68 -14.00 -5.93
C GLN B 49 -9.90 -12.60 -6.43
N GLY B 50 -10.89 -12.46 -7.31
CA GLY B 50 -11.28 -11.18 -7.85
C GLY B 50 -11.38 -10.16 -6.74
N LEU B 51 -12.38 -10.32 -5.89
CA LEU B 51 -12.57 -9.35 -4.82
C LEU B 51 -11.30 -9.11 -4.02
N LEU B 52 -10.51 -10.17 -3.87
CA LEU B 52 -9.24 -10.10 -3.18
C LEU B 52 -8.36 -9.01 -3.77
N ARG B 53 -8.02 -9.19 -5.04
CA ARG B 53 -7.19 -8.22 -5.74
C ARG B 53 -7.91 -6.88 -5.80
N LEU B 54 -9.24 -6.91 -5.77
CA LEU B 54 -10.00 -5.67 -5.70
C LEU B 54 -9.95 -5.05 -4.32
N GLY B 55 -9.30 -5.73 -3.37
CA GLY B 55 -9.01 -5.12 -2.09
C GLY B 55 -10.02 -5.41 -0.99
N HIS B 56 -10.69 -6.54 -1.14
CA HIS B 56 -11.62 -7.02 -0.13
C HIS B 56 -11.15 -8.34 0.47
N PRO B 57 -11.36 -8.51 1.78
CA PRO B 57 -11.06 -9.73 2.56
C PRO B 57 -12.06 -10.85 2.26
N ALA B 58 -11.88 -11.55 1.13
CA ALA B 58 -12.85 -12.55 0.66
C ALA B 58 -12.34 -13.99 0.70
N GLN B 59 -13.24 -14.91 1.03
CA GLN B 59 -12.95 -16.34 1.06
C GLN B 59 -14.07 -17.03 0.32
N ALA B 60 -13.86 -18.27 -0.09
CA ALA B 60 -14.89 -19.01 -0.81
C ALA B 60 -15.38 -20.19 0.02
N LEU B 61 -16.70 -20.35 0.12
CA LEU B 61 -17.26 -21.48 0.89
C LEU B 61 -17.94 -22.51 0.01
N HIS B 62 -17.32 -23.68 -0.12
CA HIS B 62 -17.92 -24.78 -0.84
C HIS B 62 -17.82 -26.07 -0.03
N GLY B 63 -18.43 -27.14 -0.56
CA GLY B 63 -18.47 -28.42 0.12
C GLY B 63 -17.21 -29.25 -0.12
N ASP B 64 -16.44 -28.86 -1.13
CA ASP B 64 -15.15 -29.49 -1.37
C ASP B 64 -14.20 -29.13 -0.26
N LEU B 65 -14.40 -27.96 0.33
CA LEU B 65 -13.70 -27.60 1.57
C LEU B 65 -13.80 -28.75 2.55
N SER B 66 -12.66 -29.12 3.12
CA SER B 66 -12.62 -30.19 4.10
C SER B 66 -13.41 -29.79 5.33
N GLN B 67 -13.76 -30.76 6.16
CA GLN B 67 -14.50 -30.47 7.39
C GLN B 67 -13.74 -29.41 8.15
N GLY B 68 -12.46 -29.66 8.39
CA GLY B 68 -11.59 -28.75 9.12
C GLY B 68 -11.35 -27.40 8.47
N GLU B 69 -11.14 -27.40 7.16
CA GLU B 69 -10.98 -26.16 6.41
C GLU B 69 -12.20 -25.24 6.54
N ARG B 70 -13.38 -25.80 6.29
CA ARG B 70 -14.63 -25.11 6.49
C ARG B 70 -14.63 -24.43 7.85
N GLU B 71 -14.65 -25.26 8.90
CA GLU B 71 -14.75 -24.79 10.26
C GLU B 71 -13.84 -23.60 10.57
N ARG B 72 -12.73 -23.50 9.85
CA ARG B 72 -11.80 -22.40 10.07
C ARG B 72 -12.06 -21.20 9.17
N VAL B 73 -12.59 -21.44 7.98
CA VAL B 73 -13.03 -20.34 7.11
C VAL B 73 -14.18 -19.58 7.79
N LEU B 74 -14.98 -20.32 8.55
CA LEU B 74 -16.12 -19.77 9.26
C LEU B 74 -15.71 -18.92 10.45
N GLY B 75 -14.80 -19.43 11.28
CA GLY B 75 -14.24 -18.67 12.39
C GLY B 75 -13.61 -17.36 11.95
N ALA B 76 -12.76 -17.44 10.92
CA ALA B 76 -12.18 -16.27 10.27
C ALA B 76 -13.28 -15.23 10.04
N PHE B 77 -14.44 -15.72 9.61
CA PHE B 77 -15.58 -14.88 9.29
C PHE B 77 -16.19 -14.18 10.52
N ARG B 78 -16.37 -14.94 11.59
CA ARG B 78 -16.98 -14.43 12.82
C ARG B 78 -16.10 -13.40 13.54
N GLN B 79 -14.79 -13.52 13.40
CA GLN B 79 -13.86 -12.57 14.01
C GLN B 79 -13.86 -11.23 13.29
N GLY B 80 -13.74 -11.29 11.96
CA GLY B 80 -13.69 -10.10 11.16
C GLY B 80 -12.49 -10.15 10.26
N GLU B 81 -11.73 -11.24 10.35
CA GLU B 81 -10.54 -11.43 9.55
C GLU B 81 -10.94 -11.58 8.10
N VAL B 82 -11.90 -12.46 7.86
CA VAL B 82 -12.62 -12.48 6.60
C VAL B 82 -13.86 -11.62 6.75
N ARG B 83 -14.10 -10.74 5.78
CA ARG B 83 -15.28 -9.89 5.84
C ARG B 83 -16.25 -10.24 4.72
N VAL B 84 -15.79 -11.08 3.79
CA VAL B 84 -16.64 -11.57 2.70
C VAL B 84 -16.56 -13.11 2.43
N LEU B 85 -17.73 -13.75 2.46
CA LEU B 85 -17.81 -15.18 2.17
C LEU B 85 -18.55 -15.41 0.88
N VAL B 86 -17.96 -16.20 0.00
CA VAL B 86 -18.55 -16.45 -1.29
C VAL B 86 -18.87 -17.92 -1.33
N ALA B 87 -20.15 -18.26 -1.31
CA ALA B 87 -20.53 -19.64 -1.17
C ALA B 87 -21.55 -20.08 -2.20
N THR B 88 -21.68 -21.40 -2.34
CA THR B 88 -22.76 -21.99 -3.10
C THR B 88 -23.87 -22.38 -2.13
N ASP B 89 -25.12 -22.32 -2.61
CA ASP B 89 -26.28 -22.54 -1.75
C ASP B 89 -26.14 -23.83 -0.95
N VAL B 90 -25.45 -24.81 -1.53
CA VAL B 90 -25.30 -26.09 -0.87
C VAL B 90 -24.37 -25.96 0.31
N ALA B 91 -23.12 -25.61 0.04
CA ALA B 91 -22.16 -25.34 1.09
C ALA B 91 -22.78 -24.46 2.18
N ALA B 92 -23.83 -23.73 1.79
CA ALA B 92 -24.36 -22.66 2.62
C ALA B 92 -25.38 -23.09 3.68
N ARG B 93 -25.98 -24.27 3.50
CA ARG B 93 -26.91 -24.80 4.48
C ARG B 93 -26.18 -25.04 5.80
N GLY B 94 -26.89 -24.85 6.91
CA GLY B 94 -26.25 -25.00 8.20
C GLY B 94 -26.62 -23.95 9.21
N LEU B 95 -26.56 -24.35 10.47
CA LEU B 95 -26.85 -23.47 11.58
C LEU B 95 -25.54 -22.83 12.02
N ASP B 96 -24.44 -23.37 11.52
CA ASP B 96 -23.12 -22.90 11.89
C ASP B 96 -22.75 -21.65 11.10
N ILE B 97 -23.70 -21.17 10.28
CA ILE B 97 -23.55 -19.93 9.51
C ILE B 97 -24.05 -18.73 10.32
N PRO B 98 -23.23 -17.69 10.41
CA PRO B 98 -23.62 -16.46 11.10
C PRO B 98 -24.70 -15.69 10.36
N GLN B 99 -25.35 -14.77 11.06
CA GLN B 99 -26.22 -13.80 10.43
C GLN B 99 -25.30 -12.69 9.98
N VAL B 100 -25.63 -12.05 8.86
CA VAL B 100 -24.76 -11.01 8.29
C VAL B 100 -25.49 -9.73 7.88
N ASP B 101 -24.75 -8.63 7.88
CA ASP B 101 -25.29 -7.32 7.56
C ASP B 101 -25.88 -7.23 6.17
N LEU B 102 -25.27 -7.95 5.22
CA LEU B 102 -25.72 -7.85 3.85
C LEU B 102 -25.64 -9.14 3.04
N VAL B 103 -26.74 -9.48 2.39
CA VAL B 103 -26.77 -10.60 1.45
C VAL B 103 -26.84 -10.16 -0.02
N VAL B 104 -25.94 -10.71 -0.84
CA VAL B 104 -25.93 -10.42 -2.28
C VAL B 104 -26.09 -11.66 -3.13
N HIS B 105 -27.08 -11.64 -4.01
CA HIS B 105 -27.25 -12.69 -5.05
C HIS B 105 -26.46 -12.30 -6.32
N TYR B 106 -25.27 -12.86 -6.52
CA TYR B 106 -24.47 -12.58 -7.71
C TYR B 106 -25.15 -13.01 -9.00
N ARG B 107 -25.26 -14.33 -9.18
CA ARG B 107 -26.19 -14.88 -10.15
C ARG B 107 -27.48 -15.01 -9.37
N LEU B 108 -28.58 -15.17 -10.09
CA LEU B 108 -29.89 -15.31 -9.48
C LEU B 108 -30.22 -16.75 -9.09
N PRO B 109 -31.06 -16.91 -8.04
CA PRO B 109 -31.64 -18.19 -7.64
C PRO B 109 -32.81 -18.53 -8.55
N ASP B 110 -32.82 -19.72 -9.11
CA ASP B 110 -33.90 -20.13 -10.01
C ASP B 110 -35.25 -20.11 -9.30
N ARG B 111 -35.38 -20.91 -8.24
CA ARG B 111 -36.65 -21.06 -7.54
C ARG B 111 -36.68 -20.32 -6.20
N ALA B 112 -37.89 -20.08 -5.70
CA ALA B 112 -38.12 -19.19 -4.55
C ALA B 112 -37.50 -19.60 -3.22
N GLU B 113 -37.45 -20.89 -2.94
CA GLU B 113 -36.95 -21.34 -1.65
C GLU B 113 -35.45 -21.06 -1.50
N ALA B 114 -34.69 -21.24 -2.58
CA ALA B 114 -33.28 -20.88 -2.56
C ALA B 114 -33.14 -19.42 -2.15
N TYR B 115 -34.00 -18.57 -2.74
CA TYR B 115 -34.04 -17.16 -2.39
C TYR B 115 -34.15 -16.92 -0.89
N GLN B 116 -35.03 -17.67 -0.24
CA GLN B 116 -35.31 -17.36 1.15
C GLN B 116 -34.23 -17.89 2.07
N HIS B 117 -33.68 -19.06 1.73
CA HIS B 117 -32.65 -19.65 2.55
C HIS B 117 -31.45 -18.75 2.48
N ARG B 118 -31.19 -18.28 1.27
CA ARG B 118 -30.14 -17.33 1.05
C ARG B 118 -30.43 -16.08 1.87
N SER B 119 -31.62 -15.53 1.68
CA SER B 119 -31.94 -14.24 2.27
C SER B 119 -32.02 -14.19 3.80
N GLY B 120 -32.36 -15.31 4.43
CA GLY B 120 -32.48 -15.32 5.87
C GLY B 120 -31.17 -15.03 6.60
N ARG B 121 -30.04 -15.35 5.98
CA ARG B 121 -28.76 -15.16 6.65
C ARG B 121 -28.48 -13.68 6.96
N THR B 122 -29.29 -12.79 6.41
CA THR B 122 -29.21 -11.40 6.81
C THR B 122 -30.17 -11.14 7.94
N GLY B 123 -29.83 -10.16 8.77
CA GLY B 123 -30.65 -9.81 9.91
C GLY B 123 -29.97 -10.33 11.13
N ARG B 124 -29.12 -9.49 11.71
CA ARG B 124 -28.30 -9.93 12.83
C ARG B 124 -29.14 -10.01 14.09
N ALA B 125 -30.46 -10.11 13.89
CA ALA B 125 -31.36 -10.27 15.01
C ALA B 125 -32.59 -11.17 14.71
N GLY B 126 -32.84 -11.39 13.42
CA GLY B 126 -34.15 -11.81 12.96
C GLY B 126 -34.87 -10.55 12.51
N ARG B 127 -34.25 -9.40 12.77
CA ARG B 127 -34.84 -8.08 12.49
C ARG B 127 -33.78 -7.05 12.05
N GLY B 128 -33.85 -6.66 10.78
CA GLY B 128 -32.90 -5.72 10.18
C GLY B 128 -32.11 -6.50 9.15
N GLY B 129 -31.63 -5.86 8.10
CA GLY B 129 -30.84 -6.57 7.10
C GLY B 129 -31.08 -6.18 5.65
N ARG B 130 -30.02 -6.17 4.86
CA ARG B 130 -30.19 -5.84 3.45
C ARG B 130 -29.87 -7.01 2.51
N VAL B 131 -30.73 -7.17 1.52
CA VAL B 131 -30.54 -8.18 0.50
C VAL B 131 -30.44 -7.47 -0.84
N VAL B 132 -29.49 -7.86 -1.68
CA VAL B 132 -29.35 -7.22 -2.99
C VAL B 132 -29.27 -8.26 -4.08
N LEU B 133 -30.10 -8.10 -5.11
CA LEU B 133 -30.04 -8.99 -6.27
C LEU B 133 -29.40 -8.30 -7.47
N LEU B 134 -28.46 -9.00 -8.09
CA LEU B 134 -27.82 -8.55 -9.33
C LEU B 134 -28.47 -9.17 -10.55
N TYR B 135 -29.00 -8.34 -11.43
CA TYR B 135 -29.57 -8.83 -12.69
C TYR B 135 -28.85 -8.34 -13.95
N GLY B 136 -28.73 -9.23 -14.92
CA GLY B 136 -28.19 -8.89 -16.22
C GLY B 136 -29.28 -8.27 -17.07
N PRO B 137 -28.87 -7.66 -18.19
CA PRO B 137 -29.71 -6.84 -19.08
C PRO B 137 -30.95 -7.57 -19.59
N ARG B 138 -30.89 -8.89 -19.72
CA ARG B 138 -32.03 -9.66 -20.20
C ARG B 138 -32.72 -10.36 -19.04
N GLU B 139 -31.94 -10.63 -17.99
CA GLU B 139 -32.42 -11.38 -16.84
C GLU B 139 -33.60 -10.68 -16.16
N ARG B 140 -33.98 -9.52 -16.69
CA ARG B 140 -35.08 -8.74 -16.14
C ARG B 140 -36.33 -9.59 -15.98
N ARG B 141 -36.62 -10.37 -17.02
CA ARG B 141 -37.77 -11.26 -17.03
C ARG B 141 -37.67 -12.30 -15.91
N ASP B 142 -36.44 -12.72 -15.63
CA ASP B 142 -36.16 -13.66 -14.55
C ASP B 142 -36.51 -13.04 -13.19
N VAL B 143 -36.17 -11.76 -13.02
CA VAL B 143 -36.43 -11.04 -11.77
C VAL B 143 -37.92 -10.86 -11.46
N GLU B 144 -38.69 -10.44 -12.47
CA GLU B 144 -40.14 -10.36 -12.35
C GLU B 144 -40.70 -11.70 -11.89
N ALA B 145 -40.22 -12.76 -12.53
CA ALA B 145 -40.62 -14.13 -12.19
C ALA B 145 -40.40 -14.49 -10.73
N LEU B 146 -39.21 -14.20 -10.20
CA LEU B 146 -38.92 -14.45 -8.80
C LEU B 146 -39.88 -13.72 -7.89
N GLU B 147 -39.96 -12.39 -8.04
CA GLU B 147 -40.94 -11.58 -7.35
C GLU B 147 -42.33 -12.24 -7.33
N ARG B 148 -42.73 -12.84 -8.44
CA ARG B 148 -43.95 -13.62 -8.44
C ARG B 148 -43.87 -14.68 -7.36
N ALA B 149 -43.00 -15.66 -7.60
CA ALA B 149 -42.69 -16.70 -6.64
C ALA B 149 -42.64 -16.21 -5.20
N VAL B 150 -41.70 -15.31 -4.91
CA VAL B 150 -41.45 -14.83 -3.56
C VAL B 150 -42.62 -14.00 -3.01
N GLY B 151 -43.49 -13.53 -3.91
CA GLY B 151 -44.66 -12.78 -3.52
C GLY B 151 -44.30 -11.43 -2.93
N ARG B 152 -43.28 -10.80 -3.53
CA ARG B 152 -42.79 -9.50 -3.11
C ARG B 152 -42.18 -8.72 -4.26
N ARG B 153 -42.30 -7.39 -4.16
CA ARG B 153 -41.71 -6.47 -5.13
C ARG B 153 -40.39 -5.97 -4.58
N PHE B 154 -39.32 -6.20 -5.35
CA PHE B 154 -38.01 -5.72 -4.95
C PHE B 154 -37.83 -4.32 -5.50
N LYS B 155 -37.03 -3.53 -4.81
CA LYS B 155 -36.81 -2.15 -5.19
C LYS B 155 -35.76 -2.15 -6.30
N ARG B 156 -35.96 -1.32 -7.32
CA ARG B 156 -35.01 -1.30 -8.43
C ARG B 156 -34.03 -0.14 -8.25
N VAL B 157 -32.82 -0.49 -7.84
CA VAL B 157 -31.84 0.51 -7.44
C VAL B 157 -30.59 0.45 -8.33
N ASN B 158 -30.06 1.62 -8.66
CA ASN B 158 -28.89 1.72 -9.49
C ASN B 158 -27.61 1.34 -8.80
N PRO B 159 -26.61 0.92 -9.59
CA PRO B 159 -25.25 0.72 -9.08
C PRO B 159 -24.67 2.04 -8.58
N PRO B 160 -23.57 1.99 -7.84
CA PRO B 160 -22.97 3.19 -7.24
C PRO B 160 -22.31 4.11 -8.28
N THR B 161 -22.63 5.39 -8.22
CA THR B 161 -21.93 6.34 -9.08
C THR B 161 -20.50 6.51 -8.60
N PRO B 162 -19.61 6.88 -9.53
CA PRO B 162 -18.21 7.10 -9.20
C PRO B 162 -18.03 8.03 -8.02
N GLU B 163 -18.84 9.07 -7.93
CA GLU B 163 -18.67 10.01 -6.85
C GLU B 163 -19.27 9.47 -5.56
N GLU B 164 -20.15 8.47 -5.70
CA GLU B 164 -20.60 7.70 -4.54
C GLU B 164 -19.42 7.02 -3.89
N VAL B 165 -18.67 6.28 -4.71
CA VAL B 165 -17.44 5.62 -4.29
C VAL B 165 -16.39 6.59 -3.77
N LEU B 166 -16.06 7.59 -4.57
CA LEU B 166 -15.19 8.64 -4.11
C LEU B 166 -15.62 9.05 -2.72
N GLU B 167 -16.93 9.21 -2.52
CA GLU B 167 -17.42 9.67 -1.23
C GLU B 167 -17.12 8.66 -0.14
N ALA B 168 -17.27 7.40 -0.49
CA ALA B 168 -17.09 6.32 0.45
C ALA B 168 -15.62 6.22 0.81
N LYS B 169 -14.75 6.22 -0.19
CA LYS B 169 -13.31 6.21 0.04
C LYS B 169 -12.90 7.32 1.03
N TRP B 170 -13.44 8.51 0.85
CA TRP B 170 -13.10 9.66 1.67
C TRP B 170 -13.51 9.40 3.12
N ARG B 171 -14.61 8.66 3.27
CA ARG B 171 -15.12 8.34 4.59
C ARG B 171 -14.16 7.37 5.26
N HIS B 172 -13.75 6.35 4.50
CA HIS B 172 -12.72 5.42 4.94
C HIS B 172 -11.48 6.18 5.47
N LEU B 173 -11.09 7.23 4.75
CA LEU B 173 -9.89 7.96 5.07
C LEU B 173 -9.95 8.76 6.38
N LEU B 174 -11.10 9.31 6.72
CA LEU B 174 -11.19 10.10 7.93
C LEU B 174 -11.05 9.11 9.05
N ALA B 175 -11.40 7.87 8.74
CA ALA B 175 -11.30 6.74 9.65
C ALA B 175 -9.85 6.39 10.03
N ARG B 176 -8.96 6.30 9.04
CA ARG B 176 -7.52 6.26 9.29
C ARG B 176 -7.05 7.38 10.21
N LEU B 177 -7.30 8.61 9.81
CA LEU B 177 -6.84 9.77 10.56
C LEU B 177 -7.25 9.72 12.03
N ALA B 178 -8.43 9.13 12.26
CA ALA B 178 -8.99 9.04 13.59
C ALA B 178 -8.01 8.28 14.46
N ARG B 179 -7.59 7.14 13.95
CA ARG B 179 -6.63 6.26 14.61
C ARG B 179 -5.33 6.97 14.97
N VAL B 180 -4.65 7.51 13.97
CA VAL B 180 -3.41 8.23 14.23
C VAL B 180 -3.48 9.10 15.50
N PRO B 181 -2.56 8.87 16.44
CA PRO B 181 -2.58 9.56 17.73
C PRO B 181 -1.67 10.78 17.74
N GLU B 182 -2.01 11.79 18.52
CA GLU B 182 -1.17 12.98 18.61
C GLU B 182 0.32 12.67 18.65
N LYS B 183 0.68 11.63 19.40
CA LYS B 183 2.04 11.12 19.51
C LYS B 183 2.76 11.06 18.15
N ASP B 184 2.01 10.94 17.07
CA ASP B 184 2.64 10.76 15.76
C ASP B 184 2.35 11.89 14.77
N TYR B 185 1.24 12.60 14.94
CA TYR B 185 0.95 13.71 14.03
C TYR B 185 1.49 15.03 14.58
N ARG B 186 1.69 15.08 15.88
CA ARG B 186 2.17 16.29 16.54
C ARG B 186 3.44 16.82 15.88
N LEU B 187 4.20 15.93 15.27
CA LEU B 187 5.46 16.30 14.65
C LEU B 187 5.28 17.08 13.35
N TYR B 188 4.07 17.08 12.77
CA TYR B 188 3.90 17.63 11.44
C TYR B 188 2.97 18.82 11.45
N GLN B 189 2.80 19.39 12.65
CA GLN B 189 1.99 20.58 12.83
C GLN B 189 2.43 21.70 11.89
N ASP B 190 3.68 22.14 12.03
CA ASP B 190 4.24 23.23 11.25
C ASP B 190 3.85 23.14 9.78
N PHE B 191 4.12 21.99 9.17
CA PHE B 191 3.81 21.84 7.75
C PHE B 191 2.33 22.08 7.50
N ALA B 192 1.50 21.34 8.23
CA ALA B 192 0.06 21.53 8.19
C ALA B 192 -0.28 23.04 8.16
N GLY B 193 0.39 23.78 9.06
CA GLY B 193 0.27 25.22 9.12
C GLY B 193 0.53 25.86 7.77
N ARG B 194 1.68 25.55 7.20
CA ARG B 194 2.09 26.17 5.96
C ARG B 194 1.02 26.02 4.89
N LEU B 195 0.55 24.79 4.73
CA LEU B 195 -0.48 24.48 3.76
C LEU B 195 -1.72 25.34 3.92
N PHE B 196 -2.21 25.38 5.16
CA PHE B 196 -3.37 26.17 5.51
C PHE B 196 -3.14 27.62 5.13
N ALA B 197 -2.13 28.22 5.77
CA ALA B 197 -1.82 29.63 5.56
C ALA B 197 -1.52 29.99 4.11
N GLU B 198 -1.15 29.01 3.30
CA GLU B 198 -0.98 29.28 1.89
C GLU B 198 -2.36 29.21 1.23
N GLY B 199 -3.16 28.23 1.62
CA GLY B 199 -4.49 28.05 1.08
C GLY B 199 -4.50 27.65 -0.39
N ARG B 200 -3.91 26.50 -0.68
CA ARG B 200 -3.97 25.98 -2.03
C ARG B 200 -4.63 24.61 -2.07
N VAL B 201 -5.93 24.60 -2.23
CA VAL B 201 -6.67 23.37 -2.33
C VAL B 201 -5.96 22.41 -3.27
N GLU B 202 -5.40 22.93 -4.35
CA GLU B 202 -4.78 22.08 -5.35
C GLU B 202 -3.70 21.17 -4.74
N VAL B 203 -2.91 21.73 -3.84
CA VAL B 203 -1.80 20.99 -3.25
C VAL B 203 -2.33 19.86 -2.40
N VAL B 204 -3.31 20.19 -1.55
CA VAL B 204 -3.95 19.17 -0.71
C VAL B 204 -4.76 18.19 -1.52
N ALA B 205 -5.44 18.68 -2.55
CA ALA B 205 -6.12 17.79 -3.48
C ALA B 205 -5.09 16.78 -3.96
N ALA B 206 -3.88 17.28 -4.22
CA ALA B 206 -2.78 16.45 -4.68
C ALA B 206 -2.45 15.42 -3.61
N LEU B 207 -2.36 15.89 -2.38
CA LEU B 207 -2.02 15.00 -1.30
C LEU B 207 -3.01 13.85 -1.18
N LEU B 208 -4.29 14.16 -1.31
CA LEU B 208 -5.30 13.12 -1.25
C LEU B 208 -5.13 12.20 -2.45
N ALA B 209 -4.70 12.76 -3.57
CA ALA B 209 -4.58 12.01 -4.81
C ALA B 209 -3.98 10.66 -4.54
N LEU B 210 -2.85 10.65 -3.85
CA LEU B 210 -2.18 9.38 -3.60
C LEU B 210 -2.32 8.90 -2.16
N LEU B 211 -3.55 8.93 -1.66
CA LEU B 211 -3.86 8.29 -0.40
C LEU B 211 -5.13 7.49 -0.56
N LEU B 212 -5.79 7.69 -1.70
CA LEU B 212 -7.07 7.04 -1.97
C LEU B 212 -6.98 6.07 -3.15
#